data_9QVR
#
_entry.id   9QVR
#
_cell.length_a   59.690
_cell.length_b   99.670
_cell.length_c   100.740
_cell.angle_alpha   90.00
_cell.angle_beta   90.00
_cell.angle_gamma   90.00
#
_symmetry.space_group_name_H-M   'P 21 21 21'
#
loop_
_entity.id
_entity.type
_entity.pdbx_description
1 polymer 'Butirosin biosynthesis protein H N-terminal domain-containing protein'
2 non-polymer P-HYDROXYBENZALDEHYDE
3 non-polymer GLYCEROL
4 water water
#
_entity_poly.entity_id   1
_entity_poly.type   'polypeptide(L)'
_entity_poly.pdbx_seq_one_letter_code
;GSHMASMLLDTFQGYNCYSSALGEYAKQKNIDQVENIILSQWSFFFDEEQFYKNQWYTGAADGPVDVVLNEDLRNFANIE
VLEHISSESQAIDEGRKVLEKHGLQIVLMDFYYMNSFNWKSLSRFNVTREHDPAFAVLTQINENSVHIIDPYYHHEENMS
MEDFIKSRNSMTKQGKISFNSYEIFSNGTKKSNIKELLYYRFNRYLQEKMFGKITQFGQVVKKQLDNKDRKWAFTGYNCL
NSVVYQHQNLINLQKKFSLEMPPNLQELLDNWALIRKKLFEYYSRGSYNTEEISNLICKVASSEEQFAQEVLKVL
;
_entity_poly.pdbx_strand_id   A,B
#
loop_
_chem_comp.id
_chem_comp.type
_chem_comp.name
_chem_comp.formula
GOL non-polymer GLYCEROL 'C3 H8 O3'
HBA non-polymer P-HYDROXYBENZALDEHYDE 'C7 H6 O2'
#
# COMPACT_ATOMS: atom_id res chain seq x y z
N THR A 11 -7.13 1.53 18.57
CA THR A 11 -7.88 2.78 18.23
C THR A 11 -9.35 2.45 17.94
N PHE A 12 -10.21 3.47 18.00
CA PHE A 12 -11.66 3.38 17.68
C PHE A 12 -11.83 3.19 16.17
N GLN A 13 -12.55 2.15 15.77
CA GLN A 13 -12.71 1.72 14.35
C GLN A 13 -13.70 2.63 13.62
N GLY A 14 -14.81 3.00 14.28
CA GLY A 14 -15.94 3.63 13.60
C GLY A 14 -16.46 2.73 12.49
N TYR A 15 -16.83 3.31 11.34
CA TYR A 15 -17.25 2.56 10.12
C TYR A 15 -16.61 3.16 8.86
N ASN A 16 -15.91 4.29 9.02
CA ASN A 16 -15.21 4.91 7.86
C ASN A 16 -14.05 5.77 8.42
N CYS A 17 -13.24 6.33 7.54
CA CYS A 17 -12.11 7.10 8.05
C CYS A 17 -12.50 8.31 8.94
N TYR A 18 -13.52 9.01 8.50
CA TYR A 18 -13.96 10.22 9.19
C TYR A 18 -14.52 9.86 10.56
N SER A 19 -15.44 8.90 10.63
CA SER A 19 -16.07 8.45 11.89
C SER A 19 -15.01 7.87 12.85
N SER A 20 -13.99 7.18 12.32
CA SER A 20 -12.88 6.62 13.14
C SER A 20 -12.13 7.77 13.82
N ALA A 21 -11.86 8.84 13.09
CA ALA A 21 -11.12 10.03 13.58
C ALA A 21 -11.94 10.75 14.66
N LEU A 22 -13.22 11.02 14.39
CA LEU A 22 -14.13 11.69 15.37
C LEU A 22 -14.21 10.86 16.64
N GLY A 23 -14.44 9.55 16.51
CA GLY A 23 -14.61 8.63 17.64
C GLY A 23 -13.33 8.45 18.43
N GLU A 24 -12.18 8.38 17.77
CA GLU A 24 -10.87 8.28 18.45
C GLU A 24 -10.65 9.55 19.30
N TYR A 25 -10.92 10.72 18.73
CA TYR A 25 -10.85 12.03 19.42
C TYR A 25 -11.77 11.98 20.65
N ALA A 26 -13.01 11.55 20.44
CA ALA A 26 -14.06 11.47 21.48
C ALA A 26 -13.62 10.51 22.59
N LYS A 27 -13.03 9.37 22.22
CA LYS A 27 -12.62 8.32 23.19
C LYS A 27 -11.49 8.89 24.06
N GLN A 28 -10.49 9.52 23.45
CA GLN A 28 -9.29 10.01 24.19
C GLN A 28 -9.69 11.13 25.14
N LYS A 29 -10.70 11.93 24.79
CA LYS A 29 -11.12 13.14 25.56
C LYS A 29 -12.45 12.91 26.28
N ASN A 30 -12.89 11.65 26.41
CA ASN A 30 -14.20 11.21 26.99
C ASN A 30 -15.28 12.24 26.65
N ILE A 31 -15.46 12.53 25.36
CA ILE A 31 -16.56 13.38 24.84
C ILE A 31 -17.79 12.48 24.67
N ASP A 32 -18.83 12.72 25.47
CA ASP A 32 -20.03 11.84 25.59
C ASP A 32 -20.76 11.79 24.25
N GLN A 33 -21.29 10.60 23.90
CA GLN A 33 -22.34 10.34 22.88
C GLN A 33 -21.74 10.17 21.48
N VAL A 34 -20.57 10.74 21.18
CA VAL A 34 -19.99 10.70 19.81
C VAL A 34 -19.84 9.24 19.38
N GLU A 35 -19.22 8.40 20.22
CA GLU A 35 -18.94 6.98 19.90
C GLU A 35 -20.26 6.23 19.66
N ASN A 36 -21.23 6.38 20.58
CA ASN A 36 -22.53 5.65 20.50
C ASN A 36 -23.26 6.04 19.20
N ILE A 37 -23.28 7.33 18.86
CA ILE A 37 -23.96 7.83 17.63
C ILE A 37 -23.25 7.25 16.39
N ILE A 38 -21.92 7.07 16.44
CA ILE A 38 -21.16 6.43 15.34
C ILE A 38 -21.48 4.94 15.26
N LEU A 39 -21.43 4.23 16.39
CA LEU A 39 -21.58 2.75 16.47
C LEU A 39 -23.00 2.32 16.09
N SER A 40 -23.98 3.22 16.19
CA SER A 40 -25.41 2.94 15.91
C SER A 40 -25.80 3.45 14.51
N GLN A 41 -24.85 3.98 13.73
CA GLN A 41 -25.14 4.43 12.35
C GLN A 41 -25.61 3.23 11.52
N TRP A 42 -26.60 3.45 10.65
CA TRP A 42 -27.05 2.41 9.68
C TRP A 42 -27.37 3.10 8.37
N SER A 43 -26.51 2.95 7.36
CA SER A 43 -26.57 3.75 6.13
C SER A 43 -26.00 3.00 4.94
N PHE A 44 -26.46 3.37 3.75
CA PHE A 44 -25.93 2.89 2.46
C PHE A 44 -26.15 4.00 1.43
N PHE A 45 -25.14 4.25 0.60
CA PHE A 45 -25.25 5.21 -0.53
C PHE A 45 -24.67 4.56 -1.78
N PHE A 46 -25.07 5.08 -2.93
CA PHE A 46 -24.50 4.70 -4.25
C PHE A 46 -24.61 5.92 -5.17
N ASP A 47 -23.51 6.24 -5.83
CA ASP A 47 -23.38 7.41 -6.73
C ASP A 47 -22.80 6.93 -8.06
N GLU A 48 -23.64 6.86 -9.09
CA GLU A 48 -23.24 6.31 -10.42
C GLU A 48 -22.18 7.21 -11.07
N GLU A 49 -22.25 8.53 -10.85
CA GLU A 49 -21.26 9.50 -11.38
C GLU A 49 -19.88 9.23 -10.77
N GLN A 50 -19.81 8.97 -9.45
CA GLN A 50 -18.55 8.65 -8.74
C GLN A 50 -18.03 7.29 -9.25
N PHE A 51 -18.93 6.36 -9.60
CA PHE A 51 -18.58 5.00 -10.11
C PHE A 51 -17.71 5.13 -11.37
N TYR A 52 -18.11 6.00 -12.31
CA TYR A 52 -17.48 6.12 -13.66
C TYR A 52 -16.27 7.07 -13.61
N LYS A 53 -16.04 7.76 -12.49
CA LYS A 53 -14.81 8.57 -12.22
C LYS A 53 -13.88 7.80 -11.29
N ASN A 54 -14.21 6.54 -10.97
CA ASN A 54 -13.50 5.67 -10.01
C ASN A 54 -13.12 6.49 -8.76
N GLN A 55 -14.10 7.19 -8.18
CA GLN A 55 -14.06 7.73 -6.81
C GLN A 55 -14.79 6.74 -5.90
N TRP A 56 -14.76 6.95 -4.59
CA TRP A 56 -15.43 6.09 -3.58
C TRP A 56 -16.95 6.25 -3.73
N TYR A 57 -17.59 5.29 -4.41
CA TYR A 57 -18.93 5.46 -5.04
C TYR A 57 -20.04 4.75 -4.26
N THR A 58 -19.71 3.98 -3.22
CA THR A 58 -20.74 3.25 -2.42
C THR A 58 -20.23 3.01 -0.99
N GLY A 59 -20.96 2.21 -0.23
CA GLY A 59 -20.67 1.92 1.18
C GLY A 59 -21.55 2.71 2.11
N ALA A 60 -21.14 2.88 3.37
CA ALA A 60 -21.96 3.47 4.44
C ALA A 60 -22.33 4.92 4.09
N ALA A 61 -21.40 5.68 3.52
CA ALA A 61 -21.53 7.15 3.45
C ALA A 61 -20.59 7.74 2.39
N ASP A 62 -21.08 8.79 1.72
CA ASP A 62 -20.27 9.69 0.87
C ASP A 62 -19.17 10.29 1.75
N GLY A 63 -18.09 10.77 1.14
CA GLY A 63 -16.90 11.22 1.88
C GLY A 63 -16.13 12.29 1.11
N PRO A 64 -14.95 12.73 1.60
CA PRO A 64 -14.35 12.18 2.82
C PRO A 64 -15.05 12.56 4.14
N VAL A 65 -15.66 13.74 4.21
CA VAL A 65 -16.44 14.17 5.40
C VAL A 65 -17.83 13.52 5.34
N ASP A 66 -18.23 12.84 6.41
CA ASP A 66 -19.54 12.17 6.54
C ASP A 66 -20.55 13.20 7.04
N VAL A 67 -21.19 13.93 6.12
CA VAL A 67 -22.10 15.07 6.42
C VAL A 67 -23.36 14.52 7.10
N VAL A 68 -23.82 13.32 6.74
CA VAL A 68 -25.01 12.69 7.40
C VAL A 68 -24.67 12.43 8.88
N LEU A 69 -23.46 11.95 9.17
CA LEU A 69 -23.03 11.72 10.57
C LEU A 69 -22.97 13.07 11.31
N ASN A 70 -22.46 14.12 10.68
CA ASN A 70 -22.43 15.49 11.26
C ASN A 70 -23.86 15.90 11.67
N GLU A 71 -24.83 15.68 10.78
CA GLU A 71 -26.25 16.02 11.02
C GLU A 71 -26.76 15.22 12.22
N ASP A 72 -26.43 13.93 12.29
CA ASP A 72 -26.83 13.04 13.41
C ASP A 72 -26.26 13.57 14.73
N LEU A 73 -24.99 13.99 14.75
CA LEU A 73 -24.32 14.49 15.99
C LEU A 73 -25.04 15.76 16.46
N ARG A 74 -25.39 16.66 15.54
CA ARG A 74 -26.10 17.93 15.86
C ARG A 74 -27.53 17.63 16.29
N ASN A 75 -28.24 16.80 15.50
CA ASN A 75 -29.69 16.47 15.69
C ASN A 75 -29.94 15.69 16.98
N PHE A 76 -29.04 14.80 17.37
CA PHE A 76 -29.28 14.00 18.59
C PHE A 76 -28.58 14.49 19.84
N ALA A 77 -27.36 15.00 19.72
CA ALA A 77 -26.56 15.34 20.91
C ALA A 77 -26.21 16.82 21.02
N ASN A 78 -26.63 17.65 20.07
CA ASN A 78 -26.28 19.09 20.01
C ASN A 78 -24.76 19.23 19.91
N ILE A 79 -24.12 18.29 19.20
CA ILE A 79 -22.66 18.29 18.96
C ILE A 79 -22.41 18.77 17.53
N GLU A 80 -21.61 19.83 17.37
CA GLU A 80 -21.24 20.44 16.07
C GLU A 80 -19.83 19.96 15.70
N VAL A 81 -19.59 19.78 14.40
CA VAL A 81 -18.21 19.57 13.87
C VAL A 81 -17.92 20.71 12.89
N LEU A 82 -16.99 21.59 13.26
CA LEU A 82 -16.62 22.80 12.50
C LEU A 82 -15.40 22.49 11.65
N GLU A 83 -15.52 22.70 10.34
CA GLU A 83 -14.39 22.61 9.38
C GLU A 83 -13.60 23.92 9.44
N HIS A 84 -12.30 23.82 9.70
CA HIS A 84 -11.34 24.94 9.57
C HIS A 84 -10.51 24.71 8.32
N ILE A 85 -10.27 25.77 7.56
CA ILE A 85 -9.36 25.76 6.38
C ILE A 85 -8.20 26.69 6.73
N SER A 86 -6.98 26.34 6.35
CA SER A 86 -5.76 27.11 6.68
C SER A 86 -4.87 27.24 5.44
N SER A 87 -3.62 27.62 5.65
CA SER A 87 -2.64 27.93 4.58
C SER A 87 -1.26 27.46 5.01
N GLU A 88 -0.32 27.39 4.08
CA GLU A 88 1.02 26.81 4.35
C GLU A 88 1.68 27.58 5.51
N SER A 89 1.56 28.91 5.53
CA SER A 89 2.26 29.81 6.47
C SER A 89 1.64 29.71 7.88
N GLN A 90 0.36 29.34 8.01
CA GLN A 90 -0.42 29.48 9.27
C GLN A 90 -0.70 28.10 9.92
N ALA A 91 -0.69 27.01 9.14
CA ALA A 91 -1.26 25.71 9.53
C ALA A 91 -0.61 25.17 10.81
N ILE A 92 0.72 25.20 10.89
CA ILE A 92 1.47 24.55 12.01
C ILE A 92 1.29 25.37 13.29
N ASP A 93 1.43 26.70 13.23
CA ASP A 93 1.22 27.60 14.39
C ASP A 93 -0.21 27.44 14.92
N GLU A 94 -1.21 27.39 14.03
CA GLU A 94 -2.62 27.14 14.41
C GLU A 94 -2.70 25.75 15.08
N GLY A 95 -2.01 24.75 14.54
CA GLY A 95 -1.89 23.41 15.13
C GLY A 95 -1.38 23.45 16.57
N ARG A 96 -0.31 24.20 16.83
CA ARG A 96 0.29 24.32 18.19
C ARG A 96 -0.75 24.85 19.19
N LYS A 97 -1.53 25.87 18.79
CA LYS A 97 -2.58 26.47 19.66
C LYS A 97 -3.69 25.45 19.90
N VAL A 98 -4.05 24.67 18.87
CA VAL A 98 -5.11 23.62 19.00
C VAL A 98 -4.61 22.54 19.96
N LEU A 99 -3.35 22.13 19.88
CA LEU A 99 -2.80 21.08 20.79
C LEU A 99 -2.78 21.62 22.22
N GLU A 100 -2.44 22.90 22.42
CA GLU A 100 -2.39 23.54 23.75
C GLU A 100 -3.81 23.56 24.36
N LYS A 101 -4.83 23.87 23.55
CA LYS A 101 -6.23 24.06 24.06
C LYS A 101 -6.98 22.73 24.14
N HIS A 102 -6.75 21.80 23.21
CA HIS A 102 -7.58 20.56 23.07
C HIS A 102 -6.75 19.27 23.11
N GLY A 103 -5.44 19.32 22.93
CA GLY A 103 -4.53 18.16 23.06
C GLY A 103 -4.42 17.33 21.78
N LEU A 104 -5.41 17.44 20.89
CA LEU A 104 -5.42 16.71 19.59
C LEU A 104 -5.96 17.64 18.51
N GLN A 105 -5.57 17.39 17.27
CA GLN A 105 -6.15 18.05 16.07
C GLN A 105 -6.50 16.97 15.04
N ILE A 106 -7.74 16.95 14.57
CA ILE A 106 -8.20 16.09 13.46
C ILE A 106 -7.89 16.82 12.15
N VAL A 107 -7.06 16.22 11.29
CA VAL A 107 -6.62 16.87 10.03
C VAL A 107 -6.97 15.98 8.84
N LEU A 108 -7.31 16.63 7.73
CA LEU A 108 -7.49 15.99 6.40
C LEU A 108 -6.09 15.82 5.80
N MET A 109 -5.76 14.61 5.35
CA MET A 109 -4.41 14.28 4.86
C MET A 109 -4.52 13.42 3.60
N ASP A 110 -3.60 13.63 2.67
CA ASP A 110 -3.46 12.79 1.46
C ASP A 110 -2.86 11.45 1.88
N PHE A 111 -3.66 10.38 1.77
CA PHE A 111 -3.29 9.00 2.17
C PHE A 111 -2.08 8.51 1.37
N TYR A 112 -1.79 9.15 0.23
CA TYR A 112 -0.56 8.91 -0.57
C TYR A 112 0.68 8.93 0.33
N TYR A 113 0.69 9.79 1.36
CA TYR A 113 1.85 10.02 2.27
C TYR A 113 1.72 9.19 3.56
N MET A 114 0.64 8.43 3.74
CA MET A 114 0.38 7.66 4.98
C MET A 114 0.61 6.15 4.73
N ASN A 115 -0.11 5.56 3.77
CA ASN A 115 -0.05 4.11 3.42
C ASN A 115 -0.08 3.26 4.70
N SER A 116 -1.09 3.46 5.53
CA SER A 116 -1.18 2.90 6.92
C SER A 116 -1.45 1.39 6.92
N PHE A 117 -1.93 0.81 5.81
CA PHE A 117 -2.43 -0.59 5.77
C PHE A 117 -1.49 -1.51 4.98
N ASN A 118 -1.23 -2.69 5.56
CA ASN A 118 -0.33 -3.74 4.98
C ASN A 118 -1.11 -4.60 3.98
N TRP A 119 -1.18 -4.18 2.73
CA TRP A 119 -1.90 -4.87 1.63
C TRP A 119 -1.29 -6.26 1.38
N LYS A 120 0.00 -6.42 1.67
CA LYS A 120 0.74 -7.70 1.46
C LYS A 120 0.18 -8.78 2.39
N SER A 121 -0.44 -8.40 3.51
CA SER A 121 -1.15 -9.31 4.45
C SER A 121 -2.31 -10.03 3.73
N LEU A 122 -2.88 -9.42 2.68
CA LEU A 122 -3.98 -9.98 1.87
C LEU A 122 -3.48 -10.36 0.46
N SER A 123 -2.17 -10.49 0.28
CA SER A 123 -1.53 -11.02 -0.96
C SER A 123 -1.60 -10.01 -2.10
N ARG A 124 -1.81 -8.72 -1.82
CA ARG A 124 -1.77 -7.63 -2.83
C ARG A 124 -0.44 -6.90 -2.71
N PHE A 125 0.52 -7.24 -3.59
CA PHE A 125 1.91 -6.70 -3.57
C PHE A 125 2.03 -5.52 -4.52
N ASN A 126 1.13 -5.39 -5.50
CA ASN A 126 1.10 -4.25 -6.46
C ASN A 126 0.19 -3.18 -5.85
N VAL A 127 0.71 -2.50 -4.82
CA VAL A 127 -0.01 -1.48 -4.00
C VAL A 127 0.06 -0.15 -4.75
N THR A 128 -0.89 0.06 -5.68
CA THR A 128 -0.94 1.24 -6.57
C THR A 128 -1.10 2.51 -5.73
N ARG A 129 -0.26 3.51 -5.97
CA ARG A 129 -0.24 4.78 -5.18
C ARG A 129 -1.34 5.70 -5.72
N GLU A 130 -2.16 6.26 -4.83
CA GLU A 130 -3.29 7.15 -5.19
C GLU A 130 -3.32 8.34 -4.23
N HIS A 131 -3.62 9.52 -4.78
CA HIS A 131 -3.90 10.77 -4.02
C HIS A 131 -5.38 10.74 -3.60
N ASP A 132 -5.65 10.20 -2.41
CA ASP A 132 -6.98 10.05 -1.79
C ASP A 132 -7.00 10.80 -0.45
N PRO A 133 -8.04 11.60 -0.13
CA PRO A 133 -8.09 12.24 1.18
C PRO A 133 -8.44 11.23 2.28
N ALA A 134 -7.72 11.30 3.40
CA ALA A 134 -7.96 10.48 4.61
C ALA A 134 -7.85 11.39 5.84
N PHE A 135 -8.04 10.82 7.03
CA PHE A 135 -7.97 11.58 8.30
C PHE A 135 -6.85 11.01 9.15
N ALA A 136 -6.22 11.90 9.91
CA ALA A 136 -5.23 11.58 10.97
C ALA A 136 -5.58 12.42 12.20
N VAL A 137 -5.22 11.90 13.37
CA VAL A 137 -5.27 12.66 14.65
C VAL A 137 -3.84 13.07 14.97
N LEU A 138 -3.54 14.36 14.89
CA LEU A 138 -2.24 14.96 15.29
C LEU A 138 -2.19 15.02 16.81
N THR A 139 -1.14 14.42 17.41
CA THR A 139 -0.95 14.37 18.89
C THR A 139 0.23 15.24 19.33
N GLN A 140 1.22 15.46 18.46
CA GLN A 140 2.47 16.18 18.84
C GLN A 140 3.08 16.86 17.62
N ILE A 141 3.51 18.11 17.81
CA ILE A 141 4.28 18.92 16.83
C ILE A 141 5.70 19.07 17.38
N ASN A 142 6.69 18.57 16.65
CA ASN A 142 8.14 18.75 16.94
C ASN A 142 8.70 19.74 15.93
N GLU A 143 9.97 20.11 16.07
CA GLU A 143 10.64 21.11 15.20
C GLU A 143 10.61 20.64 13.74
N ASN A 144 10.93 19.38 13.47
CA ASN A 144 11.12 18.84 12.09
C ASN A 144 10.26 17.60 11.85
N SER A 145 9.30 17.32 12.73
CA SER A 145 8.42 16.13 12.64
C SER A 145 7.13 16.37 13.42
N VAL A 146 6.13 15.53 13.17
CA VAL A 146 4.86 15.45 13.95
C VAL A 146 4.59 13.97 14.25
N HIS A 147 3.79 13.72 15.29
CA HIS A 147 3.23 12.39 15.60
C HIS A 147 1.75 12.36 15.23
N ILE A 148 1.33 11.37 14.44
CA ILE A 148 -0.08 11.21 14.01
C ILE A 148 -0.55 9.79 14.33
N ILE A 149 -1.85 9.68 14.59
CA ILE A 149 -2.61 8.39 14.64
C ILE A 149 -3.49 8.33 13.39
N ASP A 150 -3.44 7.21 12.67
CA ASP A 150 -4.47 6.80 11.67
C ASP A 150 -5.39 5.83 12.39
N PRO A 151 -6.51 6.28 12.98
CA PRO A 151 -7.33 5.40 13.81
C PRO A 151 -8.10 4.36 12.98
N TYR A 152 -8.40 4.65 11.72
CA TYR A 152 -9.14 3.72 10.81
C TYR A 152 -8.31 2.45 10.59
N TYR A 153 -6.98 2.58 10.54
CA TYR A 153 -6.03 1.46 10.29
C TYR A 153 -5.18 1.16 11.54
N HIS A 154 -5.55 1.70 12.71
CA HIS A 154 -4.96 1.33 14.01
C HIS A 154 -3.44 1.48 13.95
N HIS A 155 -2.96 2.54 13.31
CA HIS A 155 -1.53 2.78 13.04
C HIS A 155 -1.19 4.18 13.51
N GLU A 156 -0.01 4.34 14.12
CA GLU A 156 0.55 5.67 14.46
C GLU A 156 1.97 5.74 13.91
N GLU A 157 2.44 6.94 13.56
CA GLU A 157 3.79 7.16 13.01
C GLU A 157 4.25 8.58 13.32
N ASN A 158 5.57 8.75 13.35
CA ASN A 158 6.24 10.06 13.20
C ASN A 158 6.35 10.33 11.69
N MET A 159 5.94 11.52 11.26
CA MET A 159 6.02 11.97 9.84
C MET A 159 6.90 13.23 9.81
N SER A 160 7.76 13.36 8.80
CA SER A 160 8.62 14.56 8.63
C SER A 160 7.70 15.78 8.49
N MET A 161 8.13 16.95 8.97
CA MET A 161 7.35 18.21 8.85
C MET A 161 7.04 18.45 7.36
N GLU A 162 8.01 18.20 6.48
CA GLU A 162 7.86 18.39 5.01
C GLU A 162 6.71 17.52 4.48
N ASP A 163 6.70 16.23 4.80
CA ASP A 163 5.69 15.26 4.31
C ASP A 163 4.33 15.63 4.88
N PHE A 164 4.27 16.04 6.15
CA PHE A 164 3.03 16.45 6.85
C PHE A 164 2.39 17.63 6.10
N ILE A 165 3.18 18.69 5.85
CA ILE A 165 2.73 19.92 5.15
C ILE A 165 2.30 19.57 3.72
N LYS A 166 3.09 18.77 2.99
CA LYS A 166 2.76 18.34 1.59
C LYS A 166 1.42 17.59 1.59
N SER A 167 1.26 16.63 2.51
CA SER A 167 0.07 15.75 2.60
C SER A 167 -1.19 16.58 2.86
N ARG A 168 -1.05 17.73 3.54
CA ARG A 168 -2.20 18.57 3.95
C ARG A 168 -2.44 19.68 2.91
N ASN A 169 -1.71 19.68 1.80
CA ASN A 169 -1.82 20.74 0.77
C ASN A 169 -1.94 20.14 -0.63
N SER A 170 -2.21 18.84 -0.76
CA SER A 170 -2.13 18.14 -2.06
C SER A 170 -3.50 18.12 -2.76
N MET A 171 -3.49 18.17 -4.08
CA MET A 171 -4.65 17.85 -4.94
C MET A 171 -4.86 16.33 -4.89
N THR A 172 -6.07 15.90 -4.53
CA THR A 172 -6.50 14.48 -4.54
C THR A 172 -7.54 14.29 -5.65
N LYS A 173 -7.89 13.03 -5.93
CA LYS A 173 -8.96 12.66 -6.88
C LYS A 173 -10.33 13.13 -6.37
N GLN A 174 -10.43 13.47 -5.08
CA GLN A 174 -11.71 13.92 -4.44
C GLN A 174 -11.52 15.32 -3.85
N GLY A 175 -10.70 16.17 -4.47
CA GLY A 175 -10.64 17.62 -4.20
C GLY A 175 -9.29 18.08 -3.65
N LYS A 176 -9.19 19.40 -3.42
CA LYS A 176 -7.94 20.07 -2.97
C LYS A 176 -7.93 20.18 -1.45
N ILE A 177 -6.95 19.57 -0.79
CA ILE A 177 -6.75 19.73 0.68
C ILE A 177 -6.02 21.07 0.89
N SER A 178 -6.52 21.91 1.79
CA SER A 178 -5.87 23.18 2.22
C SER A 178 -5.81 23.22 3.74
N PHE A 179 -5.09 22.26 4.31
CA PHE A 179 -4.83 22.19 5.78
C PHE A 179 -6.11 22.07 6.60
N ASN A 180 -7.16 21.54 5.98
CA ASN A 180 -8.45 21.34 6.66
C ASN A 180 -8.29 20.61 8.00
N SER A 181 -9.00 21.10 9.01
CA SER A 181 -9.05 20.46 10.34
C SER A 181 -10.52 20.49 10.83
N TYR A 182 -10.85 19.50 11.67
CA TYR A 182 -12.25 19.30 12.14
C TYR A 182 -12.29 19.42 13.67
N GLU A 183 -13.09 20.38 14.15
CA GLU A 183 -13.20 20.64 15.61
C GLU A 183 -14.59 20.20 16.10
N ILE A 184 -14.62 19.25 17.03
CA ILE A 184 -15.90 18.78 17.63
C ILE A 184 -16.15 19.65 18.86
N PHE A 185 -17.31 20.28 18.97
CA PHE A 185 -17.60 21.01 20.23
C PHE A 185 -19.05 20.72 20.63
N SER A 186 -19.26 20.40 21.90
CA SER A 186 -20.61 20.11 22.42
C SER A 186 -21.26 21.42 22.86
N ASN A 187 -22.44 21.74 22.32
CA ASN A 187 -23.16 22.95 22.71
C ASN A 187 -24.06 22.67 23.94
N GLY A 188 -24.17 21.42 24.32
CA GLY A 188 -24.98 21.02 25.47
C GLY A 188 -25.45 19.64 25.13
N THR A 189 -24.78 18.64 25.67
CA THR A 189 -25.00 17.26 25.19
C THR A 189 -26.24 16.59 25.76
N LYS A 190 -27.09 16.21 24.83
CA LYS A 190 -28.25 15.35 25.18
C LYS A 190 -27.83 13.89 25.04
N LYS A 191 -28.01 13.09 26.10
CA LYS A 191 -27.75 11.63 26.09
C LYS A 191 -28.92 10.91 25.43
N SER A 192 -28.62 9.90 24.62
CA SER A 192 -29.62 9.04 23.92
C SER A 192 -29.45 7.59 24.39
N ASN A 193 -30.56 6.89 24.56
CA ASN A 193 -30.58 5.41 24.71
C ASN A 193 -30.17 4.83 23.35
N ILE A 194 -29.43 3.73 23.35
CA ILE A 194 -28.92 3.09 22.10
C ILE A 194 -30.12 2.64 21.24
N LYS A 195 -31.24 2.26 21.85
CA LYS A 195 -32.47 1.82 21.14
C LYS A 195 -33.08 2.98 20.34
N GLU A 196 -33.07 4.20 20.91
CA GLU A 196 -33.58 5.44 20.25
C GLU A 196 -32.74 5.73 19.01
N LEU A 197 -31.41 5.67 19.15
CA LEU A 197 -30.45 5.97 18.06
C LEU A 197 -30.63 4.96 16.94
N LEU A 198 -30.78 3.67 17.28
CA LEU A 198 -30.96 2.59 16.30
C LEU A 198 -32.33 2.74 15.62
N TYR A 199 -33.38 3.01 16.39
CA TYR A 199 -34.75 3.19 15.81
C TYR A 199 -34.70 4.31 14.77
N TYR A 200 -34.13 5.44 15.12
CA TYR A 200 -34.11 6.57 14.17
C TYR A 200 -33.38 6.16 12.88
N ARG A 201 -32.24 5.50 13.03
CA ARG A 201 -31.40 5.08 11.87
C ARG A 201 -32.16 4.08 10.99
N PHE A 202 -32.77 3.05 11.60
CA PHE A 202 -33.47 1.98 10.84
C PHE A 202 -34.73 2.55 10.19
N ASN A 203 -35.43 3.43 10.88
CA ASN A 203 -36.62 4.13 10.32
C ASN A 203 -36.17 4.96 9.11
N ARG A 204 -35.09 5.73 9.25
CA ARG A 204 -34.57 6.59 8.15
C ARG A 204 -34.13 5.71 6.97
N TYR A 205 -33.45 4.60 7.26
CA TYR A 205 -32.93 3.65 6.24
C TYR A 205 -34.09 3.19 5.35
N LEU A 206 -35.23 2.84 5.95
CA LEU A 206 -36.43 2.35 5.21
C LEU A 206 -37.12 3.52 4.49
N GLN A 207 -37.31 4.66 5.16
CA GLN A 207 -38.05 5.81 4.60
C GLN A 207 -37.29 6.42 3.42
N GLU A 208 -35.95 6.42 3.45
CA GLU A 208 -35.10 6.94 2.35
C GLU A 208 -34.82 5.82 1.33
N LYS A 209 -35.30 4.60 1.58
CA LYS A 209 -35.16 3.43 0.67
C LYS A 209 -33.67 3.21 0.36
N MET A 210 -32.83 3.23 1.39
CA MET A 210 -31.36 3.06 1.25
C MET A 210 -31.04 1.68 0.67
N PHE A 211 -31.85 0.67 0.97
CA PHE A 211 -31.77 -0.70 0.39
C PHE A 211 -31.85 -0.62 -1.14
N GLY A 212 -32.62 0.34 -1.66
CA GLY A 212 -32.73 0.64 -3.11
C GLY A 212 -31.39 0.98 -3.73
N LYS A 213 -30.50 1.65 -2.98
CA LYS A 213 -29.16 2.07 -3.45
C LYS A 213 -28.27 0.83 -3.56
N ILE A 214 -28.53 -0.21 -2.76
CA ILE A 214 -27.83 -1.53 -2.87
C ILE A 214 -28.24 -2.17 -4.20
N THR A 215 -29.53 -2.16 -4.51
CA THR A 215 -30.10 -2.71 -5.78
C THR A 215 -29.45 -1.98 -6.97
N GLN A 216 -29.36 -0.65 -6.91
CA GLN A 216 -28.74 0.17 -8.00
C GLN A 216 -27.29 -0.28 -8.21
N PHE A 217 -26.53 -0.42 -7.12
CA PHE A 217 -25.12 -0.90 -7.13
C PHE A 217 -25.07 -2.25 -7.86
N GLY A 218 -25.94 -3.19 -7.46
CA GLY A 218 -26.06 -4.52 -8.09
C GLY A 218 -26.24 -4.43 -9.59
N GLN A 219 -27.17 -3.57 -10.05
CA GLN A 219 -27.52 -3.45 -11.49
C GLN A 219 -26.33 -2.88 -12.27
N VAL A 220 -25.59 -1.94 -11.66
CA VAL A 220 -24.38 -1.33 -12.29
C VAL A 220 -23.27 -2.39 -12.39
N VAL A 221 -23.12 -3.23 -11.36
CA VAL A 221 -22.10 -4.34 -11.38
C VAL A 221 -22.41 -5.29 -12.54
N LYS A 222 -23.70 -5.62 -12.77
CA LYS A 222 -24.12 -6.56 -13.85
C LYS A 222 -23.67 -6.02 -15.21
N LYS A 223 -23.66 -4.69 -15.38
CA LYS A 223 -23.36 -4.00 -16.67
C LYS A 223 -21.85 -3.85 -16.89
N GLN A 224 -21.01 -4.32 -15.95
CA GLN A 224 -19.54 -4.30 -16.10
C GLN A 224 -19.05 -5.63 -16.69
N LEU A 225 -19.95 -6.47 -17.19
CA LEU A 225 -19.63 -7.81 -17.77
C LEU A 225 -18.46 -7.66 -18.75
N ASP A 226 -18.44 -6.61 -19.58
CA ASP A 226 -17.50 -6.45 -20.71
C ASP A 226 -16.65 -5.17 -20.52
N ASN A 227 -16.62 -4.60 -19.32
CA ASN A 227 -15.70 -3.49 -18.96
C ASN A 227 -14.31 -4.11 -18.77
N LYS A 228 -13.35 -3.80 -19.64
CA LYS A 228 -11.96 -4.33 -19.60
C LYS A 228 -11.23 -3.78 -18.37
N ASP A 229 -11.69 -2.64 -17.84
CA ASP A 229 -11.14 -1.97 -16.63
C ASP A 229 -11.81 -2.55 -15.38
N ARG A 230 -11.04 -3.08 -14.43
CA ARG A 230 -11.56 -3.85 -13.26
C ARG A 230 -11.42 -3.06 -11.96
N LYS A 231 -10.87 -1.84 -11.98
CA LYS A 231 -10.48 -1.14 -10.73
C LYS A 231 -11.73 -0.69 -9.97
N TRP A 232 -12.90 -0.57 -10.64
CA TRP A 232 -14.22 -0.37 -9.97
C TRP A 232 -14.43 -1.44 -8.89
N ALA A 233 -13.98 -2.67 -9.13
CA ALA A 233 -14.17 -3.82 -8.22
C ALA A 233 -13.28 -3.66 -6.98
N PHE A 234 -12.05 -3.14 -7.14
CA PHE A 234 -11.16 -2.84 -5.99
C PHE A 234 -11.74 -1.68 -5.18
N THR A 235 -12.20 -0.64 -5.86
CA THR A 235 -12.84 0.54 -5.21
C THR A 235 -14.07 0.06 -4.42
N GLY A 236 -14.93 -0.75 -5.05
CA GLY A 236 -16.13 -1.35 -4.42
C GLY A 236 -15.75 -2.13 -3.18
N TYR A 237 -14.72 -2.98 -3.28
CA TYR A 237 -14.16 -3.79 -2.17
C TYR A 237 -13.84 -2.88 -0.98
N ASN A 238 -13.06 -1.82 -1.23
CA ASN A 238 -12.61 -0.86 -0.19
C ASN A 238 -13.83 -0.15 0.41
N CYS A 239 -14.74 0.33 -0.45
CA CYS A 239 -15.97 1.07 -0.08
C CYS A 239 -16.84 0.25 0.88
N LEU A 240 -16.94 -1.06 0.68
CA LEU A 240 -17.89 -1.93 1.42
C LEU A 240 -17.34 -2.32 2.79
N ASN A 241 -16.08 -2.02 3.11
CA ASN A 241 -15.53 -2.28 4.47
C ASN A 241 -16.39 -1.51 5.48
N SER A 242 -16.87 -0.32 5.12
CA SER A 242 -17.75 0.53 5.96
C SER A 242 -19.02 -0.24 6.32
N VAL A 243 -19.59 -0.99 5.38
CA VAL A 243 -20.85 -1.76 5.59
C VAL A 243 -20.56 -2.95 6.51
N VAL A 244 -19.44 -3.65 6.32
CA VAL A 244 -19.02 -4.76 7.22
C VAL A 244 -18.84 -4.18 8.64
N TYR A 245 -18.19 -3.02 8.77
CA TYR A 245 -17.93 -2.38 10.09
C TYR A 245 -19.26 -2.04 10.79
N GLN A 246 -20.22 -1.43 10.09
CA GLN A 246 -21.56 -1.12 10.66
C GLN A 246 -22.21 -2.42 11.16
N HIS A 247 -22.15 -3.49 10.38
CA HIS A 247 -22.74 -4.80 10.74
C HIS A 247 -22.06 -5.33 12.01
N GLN A 248 -20.72 -5.28 12.06
CA GLN A 248 -19.95 -5.75 13.24
C GLN A 248 -20.26 -4.84 14.44
N ASN A 249 -20.35 -3.52 14.22
CA ASN A 249 -20.66 -2.55 15.29
C ASN A 249 -22.03 -2.87 15.90
N LEU A 250 -23.01 -3.22 15.06
CA LEU A 250 -24.37 -3.54 15.53
C LEU A 250 -24.37 -4.88 16.29
N ILE A 251 -23.60 -5.87 15.82
CA ILE A 251 -23.39 -7.16 16.56
C ILE A 251 -22.81 -6.83 17.94
N ASN A 252 -21.83 -5.91 18.02
CA ASN A 252 -21.15 -5.55 19.28
C ASN A 252 -22.15 -4.82 20.20
N LEU A 253 -22.97 -3.93 19.67
CA LEU A 253 -24.05 -3.23 20.43
C LEU A 253 -25.05 -4.27 20.97
N GLN A 254 -25.43 -5.25 20.15
CA GLN A 254 -26.37 -6.33 20.53
C GLN A 254 -25.80 -7.06 21.76
N LYS A 255 -24.51 -7.40 21.72
CA LYS A 255 -23.81 -8.14 22.81
C LYS A 255 -23.75 -7.26 24.06
N LYS A 256 -23.30 -6.01 23.94
CA LYS A 256 -23.08 -5.09 25.09
C LYS A 256 -24.40 -4.79 25.80
N PHE A 257 -25.46 -4.44 25.06
CA PHE A 257 -26.74 -3.92 25.61
C PHE A 257 -27.83 -5.00 25.58
N SER A 258 -27.49 -6.24 25.24
CA SER A 258 -28.42 -7.39 25.16
C SER A 258 -29.65 -7.02 24.32
N LEU A 259 -29.42 -6.46 23.12
CA LEU A 259 -30.52 -5.96 22.25
C LEU A 259 -31.21 -7.15 21.59
N GLU A 260 -32.50 -6.99 21.27
CA GLU A 260 -33.25 -7.94 20.43
C GLU A 260 -32.99 -7.60 18.96
N MET A 261 -32.37 -8.52 18.23
CA MET A 261 -32.08 -8.38 16.78
C MET A 261 -32.77 -9.53 16.04
N PRO A 262 -33.19 -9.33 14.78
CA PRO A 262 -33.54 -10.45 13.91
C PRO A 262 -32.38 -11.43 13.88
N PRO A 263 -32.65 -12.76 13.79
CA PRO A 263 -31.60 -13.76 13.97
C PRO A 263 -30.53 -13.88 12.87
N ASN A 264 -30.64 -13.14 11.77
CA ASN A 264 -29.78 -13.31 10.56
C ASN A 264 -28.75 -12.19 10.44
N LEU A 265 -28.45 -11.46 11.52
CA LEU A 265 -27.48 -10.33 11.51
C LEU A 265 -26.09 -10.84 11.13
N GLN A 266 -25.60 -11.90 11.77
CA GLN A 266 -24.27 -12.48 11.46
C GLN A 266 -24.29 -12.95 9.99
N GLU A 267 -25.38 -13.59 9.56
CA GLU A 267 -25.54 -14.10 8.17
C GLU A 267 -25.38 -12.92 7.19
N LEU A 268 -26.00 -11.77 7.47
CA LEU A 268 -25.89 -10.56 6.62
C LEU A 268 -24.43 -10.09 6.58
N LEU A 269 -23.74 -10.03 7.72
CA LEU A 269 -22.29 -9.66 7.76
C LEU A 269 -21.53 -10.61 6.84
N ASP A 270 -21.79 -11.92 6.96
CA ASP A 270 -21.14 -12.98 6.13
C ASP A 270 -21.44 -12.74 4.66
N ASN A 271 -22.67 -12.33 4.33
CA ASN A 271 -23.08 -12.07 2.92
C ASN A 271 -22.24 -10.91 2.36
N TRP A 272 -22.06 -9.84 3.13
CA TRP A 272 -21.25 -8.66 2.71
C TRP A 272 -19.78 -9.07 2.59
N ALA A 273 -19.25 -9.86 3.53
CA ALA A 273 -17.87 -10.38 3.47
C ALA A 273 -17.68 -11.19 2.18
N LEU A 274 -18.67 -11.98 1.76
CA LEU A 274 -18.56 -12.81 0.52
C LEU A 274 -18.54 -11.89 -0.70
N ILE A 275 -19.44 -10.90 -0.75
CA ILE A 275 -19.49 -9.89 -1.86
C ILE A 275 -18.11 -9.24 -1.97
N ARG A 276 -17.52 -8.83 -0.85
CA ARG A 276 -16.17 -8.18 -0.81
C ARG A 276 -15.12 -9.16 -1.36
N LYS A 277 -15.16 -10.42 -0.92
CA LYS A 277 -14.19 -11.47 -1.34
C LYS A 277 -14.27 -11.64 -2.87
N LYS A 278 -15.48 -11.70 -3.43
CA LYS A 278 -15.70 -11.93 -4.89
C LYS A 278 -15.26 -10.68 -5.68
N LEU A 279 -15.50 -9.47 -5.15
CA LEU A 279 -15.02 -8.21 -5.79
C LEU A 279 -13.49 -8.23 -5.82
N PHE A 280 -12.86 -8.60 -4.71
CA PHE A 280 -11.38 -8.68 -4.59
C PHE A 280 -10.84 -9.72 -5.59
N GLU A 281 -11.45 -10.90 -5.66
CA GLU A 281 -11.03 -12.01 -6.55
C GLU A 281 -11.19 -11.55 -8.01
N TYR A 282 -12.30 -10.90 -8.35
CA TYR A 282 -12.55 -10.37 -9.72
C TYR A 282 -11.46 -9.37 -10.10
N TYR A 283 -11.18 -8.40 -9.23
CA TYR A 283 -10.16 -7.34 -9.46
C TYR A 283 -8.80 -8.00 -9.71
N SER A 284 -8.47 -9.01 -8.91
CA SER A 284 -7.16 -9.70 -8.88
C SER A 284 -7.10 -10.80 -9.95
N ARG A 285 -8.06 -10.76 -10.87
CA ARG A 285 -8.07 -11.61 -12.08
C ARG A 285 -8.22 -13.07 -11.67
N GLY A 286 -8.64 -13.30 -10.43
CA GLY A 286 -8.92 -14.63 -9.88
C GLY A 286 -10.12 -15.25 -10.59
N SER A 287 -11.09 -14.40 -10.96
CA SER A 287 -12.34 -14.86 -11.59
C SER A 287 -12.81 -13.98 -12.74
N TYR A 288 -13.94 -14.43 -13.27
CA TYR A 288 -14.75 -13.83 -14.33
C TYR A 288 -16.22 -13.98 -13.92
N ASN A 289 -16.69 -13.26 -12.89
CA ASN A 289 -18.08 -13.53 -12.43
C ASN A 289 -18.83 -12.26 -12.02
N THR A 290 -18.99 -11.28 -12.91
CA THR A 290 -19.79 -10.10 -12.51
C THR A 290 -21.25 -10.49 -12.29
N GLU A 291 -21.78 -11.37 -13.14
CA GLU A 291 -23.17 -11.91 -13.05
C GLU A 291 -23.42 -12.40 -11.62
N GLU A 292 -22.51 -13.24 -11.10
CA GLU A 292 -22.58 -13.85 -9.75
C GLU A 292 -22.56 -12.74 -8.68
N ILE A 293 -21.64 -11.77 -8.81
CA ILE A 293 -21.47 -10.66 -7.82
C ILE A 293 -22.76 -9.82 -7.80
N SER A 294 -23.29 -9.47 -8.97
CA SER A 294 -24.52 -8.63 -9.10
C SER A 294 -25.70 -9.35 -8.46
N ASN A 295 -25.82 -10.66 -8.66
CA ASN A 295 -26.87 -11.52 -8.07
C ASN A 295 -26.78 -11.46 -6.54
N LEU A 296 -25.56 -11.60 -6.01
CA LEU A 296 -25.37 -11.58 -4.53
C LEU A 296 -25.74 -10.19 -3.97
N ILE A 297 -25.35 -9.13 -4.67
CA ILE A 297 -25.66 -7.73 -4.24
C ILE A 297 -27.18 -7.53 -4.23
N CYS A 298 -27.87 -7.93 -5.30
CA CYS A 298 -29.33 -7.73 -5.42
C CYS A 298 -30.07 -8.57 -4.37
N LYS A 299 -29.54 -9.75 -4.03
CA LYS A 299 -30.12 -10.63 -2.98
C LYS A 299 -29.96 -9.97 -1.61
N VAL A 300 -28.79 -9.39 -1.32
CA VAL A 300 -28.50 -8.77 0.01
C VAL A 300 -29.31 -7.48 0.16
N ALA A 301 -29.62 -6.77 -0.93
CA ALA A 301 -30.50 -5.58 -0.92
C ALA A 301 -31.84 -5.92 -0.28
N SER A 302 -32.48 -7.00 -0.71
CA SER A 302 -33.79 -7.48 -0.22
C SER A 302 -33.67 -7.98 1.22
N SER A 303 -32.61 -8.76 1.51
CA SER A 303 -32.30 -9.27 2.87
C SER A 303 -32.15 -8.10 3.84
N GLU A 304 -31.48 -7.01 3.41
CA GLU A 304 -31.23 -5.81 4.26
C GLU A 304 -32.54 -5.04 4.49
N GLU A 305 -33.39 -4.93 3.46
CA GLU A 305 -34.72 -4.27 3.59
C GLU A 305 -35.54 -5.03 4.64
N GLN A 306 -35.66 -6.35 4.47
CA GLN A 306 -36.40 -7.26 5.38
C GLN A 306 -35.85 -7.12 6.81
N PHE A 307 -34.52 -7.18 6.95
CA PHE A 307 -33.81 -7.07 8.25
C PHE A 307 -34.20 -5.76 8.97
N ALA A 308 -34.17 -4.65 8.23
CA ALA A 308 -34.46 -3.30 8.76
C ALA A 308 -35.92 -3.23 9.24
N GLN A 309 -36.86 -3.79 8.46
CA GLN A 309 -38.31 -3.85 8.82
C GLN A 309 -38.45 -4.64 10.13
N GLU A 310 -37.71 -5.74 10.26
CA GLU A 310 -37.77 -6.65 11.44
C GLU A 310 -37.12 -5.97 12.65
N VAL A 311 -36.05 -5.19 12.45
CA VAL A 311 -35.39 -4.45 13.56
C VAL A 311 -36.41 -3.51 14.22
N LEU A 312 -37.20 -2.78 13.42
CA LEU A 312 -38.19 -1.79 13.94
C LEU A 312 -39.23 -2.50 14.81
N LYS A 313 -39.57 -3.75 14.48
CA LYS A 313 -40.61 -4.55 15.19
C LYS A 313 -40.08 -5.07 16.53
N VAL A 314 -38.84 -5.58 16.56
CA VAL A 314 -38.32 -6.41 17.69
C VAL A 314 -37.48 -5.56 18.65
N LEU A 315 -36.87 -4.46 18.18
CA LEU A 315 -35.95 -3.62 19.01
C LEU A 315 -36.68 -3.18 20.28
N LEU B 9 22.01 -18.63 -16.39
CA LEU B 9 23.08 -17.99 -15.56
C LEU B 9 23.55 -16.66 -16.20
N ASP B 10 23.31 -16.46 -17.50
CA ASP B 10 23.57 -15.17 -18.21
C ASP B 10 22.26 -14.35 -18.23
N THR B 11 21.61 -14.23 -17.08
CA THR B 11 20.27 -13.59 -16.93
C THR B 11 20.42 -12.07 -16.75
N PHE B 12 19.38 -11.33 -17.12
CA PHE B 12 19.28 -9.86 -16.95
C PHE B 12 19.30 -9.54 -15.44
N GLN B 13 20.26 -8.71 -15.01
CA GLN B 13 20.48 -8.36 -13.58
C GLN B 13 19.38 -7.41 -13.10
N GLY B 14 19.03 -6.42 -13.91
CA GLY B 14 18.22 -5.26 -13.47
C GLY B 14 18.92 -4.59 -12.29
N TYR B 15 18.16 -4.18 -11.27
CA TYR B 15 18.71 -3.63 -10.00
C TYR B 15 18.06 -4.28 -8.77
N ASN B 16 17.09 -5.15 -8.96
CA ASN B 16 16.47 -5.81 -7.80
C ASN B 16 15.77 -7.09 -8.26
N CYS B 17 15.17 -7.87 -7.37
CA CYS B 17 14.59 -9.15 -7.83
C CYS B 17 13.46 -8.97 -8.89
N TYR B 18 12.60 -8.01 -8.61
CA TYR B 18 11.45 -7.77 -9.52
C TYR B 18 11.88 -7.25 -10.90
N SER B 19 12.74 -6.24 -10.92
CA SER B 19 13.22 -5.64 -12.21
C SER B 19 14.02 -6.69 -12.99
N SER B 20 14.72 -7.59 -12.30
CA SER B 20 15.48 -8.71 -12.92
C SER B 20 14.49 -9.63 -13.68
N ALA B 21 13.41 -10.01 -13.01
CA ALA B 21 12.37 -10.92 -13.57
C ALA B 21 11.68 -10.25 -14.77
N LEU B 22 11.25 -8.99 -14.64
CA LEU B 22 10.57 -8.27 -15.76
C LEU B 22 11.52 -8.18 -16.96
N GLY B 23 12.77 -7.74 -16.72
CA GLY B 23 13.78 -7.56 -17.78
C GLY B 23 14.12 -8.87 -18.47
N GLU B 24 14.30 -9.95 -17.70
CA GLU B 24 14.61 -11.29 -18.25
C GLU B 24 13.47 -11.72 -19.19
N TYR B 25 12.23 -11.53 -18.74
CA TYR B 25 11.00 -11.83 -19.51
C TYR B 25 10.97 -10.97 -20.79
N ALA B 26 11.13 -9.65 -20.65
CA ALA B 26 11.15 -8.69 -21.77
C ALA B 26 12.19 -9.13 -22.81
N LYS B 27 13.38 -9.52 -22.33
CA LYS B 27 14.53 -9.93 -23.17
C LYS B 27 14.15 -11.18 -23.99
N GLN B 28 13.65 -12.22 -23.32
CA GLN B 28 13.31 -13.52 -23.95
C GLN B 28 12.12 -13.37 -24.90
N LYS B 29 11.16 -12.49 -24.60
CA LYS B 29 9.90 -12.35 -25.38
C LYS B 29 9.94 -11.09 -26.26
N ASN B 30 11.10 -10.43 -26.37
CA ASN B 30 11.31 -9.26 -27.26
C ASN B 30 10.24 -8.20 -26.98
N ILE B 31 10.05 -7.83 -25.71
CA ILE B 31 9.17 -6.69 -25.31
C ILE B 31 10.04 -5.44 -25.29
N ASP B 32 9.73 -4.47 -26.16
CA ASP B 32 10.51 -3.21 -26.34
C ASP B 32 10.41 -2.36 -25.06
N GLN B 33 11.44 -1.56 -24.78
CA GLN B 33 11.47 -0.40 -23.84
C GLN B 33 11.70 -0.86 -22.38
N VAL B 34 11.23 -2.04 -22.01
CA VAL B 34 11.27 -2.53 -20.59
C VAL B 34 12.71 -2.44 -20.07
N GLU B 35 13.67 -2.98 -20.81
CA GLU B 35 15.09 -3.06 -20.40
C GLU B 35 15.64 -1.65 -20.16
N ASN B 36 15.47 -0.73 -21.12
CA ASN B 36 16.01 0.64 -21.06
C ASN B 36 15.40 1.39 -19.87
N ILE B 37 14.10 1.20 -19.62
CA ILE B 37 13.38 1.85 -18.48
C ILE B 37 13.98 1.34 -17.17
N ILE B 38 14.31 0.05 -17.07
CA ILE B 38 14.94 -0.56 -15.87
C ILE B 38 16.37 -0.02 -15.70
N LEU B 39 17.16 -0.01 -16.78
CA LEU B 39 18.62 0.29 -16.71
C LEU B 39 18.84 1.78 -16.46
N SER B 40 17.84 2.62 -16.69
CA SER B 40 17.89 4.09 -16.50
C SER B 40 17.23 4.50 -15.17
N GLN B 41 16.77 3.53 -14.37
CA GLN B 41 16.18 3.82 -13.04
C GLN B 41 17.24 4.47 -12.16
N TRP B 42 16.83 5.43 -11.33
CA TRP B 42 17.72 6.10 -10.35
C TRP B 42 16.88 6.42 -9.12
N SER B 43 17.09 5.69 -8.02
CA SER B 43 16.17 5.74 -6.86
C SER B 43 16.88 5.30 -5.58
N PHE B 44 16.40 5.83 -4.46
CA PHE B 44 16.83 5.40 -3.11
C PHE B 44 15.62 5.57 -2.20
N PHE B 45 15.42 4.62 -1.29
CA PHE B 45 14.39 4.73 -0.25
C PHE B 45 14.97 4.29 1.08
N PHE B 46 14.31 4.69 2.16
CA PHE B 46 14.62 4.26 3.54
C PHE B 46 13.33 4.31 4.36
N ASP B 47 13.03 3.21 5.05
CA ASP B 47 11.83 3.06 5.90
C ASP B 47 12.30 2.64 7.29
N GLU B 48 12.23 3.55 8.26
CA GLU B 48 12.71 3.30 9.65
C GLU B 48 11.79 2.26 10.31
N GLU B 49 10.51 2.24 9.96
CA GLU B 49 9.54 1.22 10.48
C GLU B 49 10.04 -0.17 10.05
N GLN B 50 10.38 -0.35 8.76
CA GLN B 50 10.86 -1.64 8.20
C GLN B 50 12.22 -2.00 8.83
N PHE B 51 13.06 -1.00 9.14
CA PHE B 51 14.40 -1.18 9.78
C PHE B 51 14.23 -1.98 11.08
N TYR B 52 13.27 -1.57 11.92
CA TYR B 52 13.10 -2.11 13.30
C TYR B 52 12.20 -3.36 13.30
N LYS B 53 11.62 -3.72 12.14
CA LYS B 53 10.90 -5.01 11.94
C LYS B 53 11.83 -6.02 11.24
N ASN B 54 13.13 -5.68 11.13
CA ASN B 54 14.15 -6.33 10.26
C ASN B 54 13.51 -6.84 8.96
N GLN B 55 12.83 -5.94 8.23
CA GLN B 55 12.43 -6.15 6.82
C GLN B 55 13.43 -5.41 5.93
N TRP B 56 13.35 -5.58 4.60
CA TRP B 56 14.24 -4.90 3.62
C TRP B 56 13.91 -3.40 3.62
N TYR B 57 14.76 -2.59 4.25
CA TYR B 57 14.41 -1.22 4.72
C TYR B 57 15.06 -0.12 3.89
N THR B 58 15.95 -0.44 2.95
CA THR B 58 16.67 0.58 2.14
C THR B 58 17.12 -0.04 0.81
N GLY B 59 17.85 0.72 0.01
CA GLY B 59 18.25 0.34 -1.36
C GLY B 59 17.45 1.11 -2.39
N ALA B 60 17.40 0.60 -3.61
CA ALA B 60 16.80 1.29 -4.79
C ALA B 60 15.31 1.52 -4.59
N ALA B 61 14.60 0.54 -4.03
CA ALA B 61 13.13 0.49 -4.08
C ALA B 61 12.56 -0.43 -2.99
N ASP B 62 11.44 -0.02 -2.43
CA ASP B 62 10.55 -0.88 -1.59
C ASP B 62 10.11 -2.05 -2.47
N GLY B 63 9.89 -3.21 -1.86
CA GLY B 63 9.55 -4.45 -2.58
C GLY B 63 8.52 -5.28 -1.82
N PRO B 64 8.25 -6.53 -2.25
CA PRO B 64 8.92 -7.13 -3.40
C PRO B 64 8.59 -6.48 -4.76
N VAL B 65 7.35 -6.03 -4.97
CA VAL B 65 6.95 -5.35 -6.24
C VAL B 65 7.46 -3.91 -6.18
N ASP B 66 8.11 -3.47 -7.26
CA ASP B 66 8.64 -2.09 -7.41
C ASP B 66 7.56 -1.23 -8.09
N VAL B 67 6.68 -0.63 -7.28
CA VAL B 67 5.49 0.13 -7.79
C VAL B 67 5.96 1.38 -8.53
N VAL B 68 7.08 1.99 -8.11
CA VAL B 68 7.65 3.17 -8.83
C VAL B 68 8.08 2.71 -10.23
N LEU B 69 8.74 1.55 -10.35
CA LEU B 69 9.11 1.00 -11.69
C LEU B 69 7.83 0.72 -12.49
N ASN B 70 6.78 0.20 -11.86
CA ASN B 70 5.48 -0.06 -12.53
C ASN B 70 4.95 1.25 -13.13
N GLU B 71 4.98 2.34 -12.36
CA GLU B 71 4.50 3.67 -12.83
C GLU B 71 5.37 4.11 -14.01
N ASP B 72 6.69 3.94 -13.91
CA ASP B 72 7.64 4.32 -14.99
C ASP B 72 7.30 3.53 -16.26
N LEU B 73 7.04 2.23 -16.16
CA LEU B 73 6.72 1.38 -17.35
C LEU B 73 5.40 1.85 -17.97
N ARG B 74 4.41 2.20 -17.15
CA ARG B 74 3.09 2.72 -17.63
C ARG B 74 3.31 4.06 -18.33
N ASN B 75 4.00 4.99 -17.67
CA ASN B 75 4.07 6.42 -18.11
C ASN B 75 4.95 6.55 -19.35
N PHE B 76 6.04 5.78 -19.46
CA PHE B 76 7.00 5.88 -20.59
C PHE B 76 6.57 4.96 -21.75
N ALA B 77 6.19 3.71 -21.48
CA ALA B 77 6.03 2.65 -22.51
C ALA B 77 4.57 2.20 -22.70
N ASN B 78 3.63 2.73 -21.90
CA ASN B 78 2.22 2.25 -21.87
C ASN B 78 2.23 0.74 -21.60
N ILE B 79 3.11 0.28 -20.71
CA ILE B 79 3.16 -1.13 -20.24
C ILE B 79 2.55 -1.19 -18.84
N GLU B 80 1.55 -2.07 -18.68
CA GLU B 80 0.88 -2.37 -17.39
C GLU B 80 1.39 -3.72 -16.91
N VAL B 81 1.94 -3.78 -15.69
CA VAL B 81 2.28 -5.09 -15.07
C VAL B 81 1.11 -5.49 -14.18
N LEU B 82 0.27 -6.42 -14.66
CA LEU B 82 -0.97 -6.86 -14.00
C LEU B 82 -0.63 -7.94 -12.98
N GLU B 83 -0.94 -7.68 -11.71
CA GLU B 83 -0.86 -8.70 -10.63
C GLU B 83 -2.07 -9.62 -10.73
N HIS B 84 -1.83 -10.92 -10.92
CA HIS B 84 -2.83 -12.00 -10.79
C HIS B 84 -2.69 -12.60 -9.38
N ILE B 85 -3.82 -12.76 -8.68
CA ILE B 85 -3.88 -13.52 -7.40
C ILE B 85 -4.73 -14.76 -7.70
N SER B 86 -4.25 -15.93 -7.32
CA SER B 86 -4.88 -17.22 -7.67
C SER B 86 -5.07 -18.06 -6.40
N SER B 87 -5.42 -19.32 -6.58
CA SER B 87 -5.70 -20.29 -5.50
C SER B 87 -5.00 -21.60 -5.87
N GLU B 88 -4.87 -22.52 -4.91
CA GLU B 88 -4.19 -23.80 -5.15
C GLU B 88 -4.89 -24.55 -6.29
N SER B 89 -6.21 -24.45 -6.41
CA SER B 89 -7.04 -25.21 -7.38
C SER B 89 -6.83 -24.71 -8.81
N GLN B 90 -6.48 -23.42 -8.99
CA GLN B 90 -6.43 -22.74 -10.31
C GLN B 90 -4.99 -22.50 -10.78
N ALA B 91 -4.02 -22.39 -9.86
CA ALA B 91 -2.69 -21.79 -10.11
C ALA B 91 -1.95 -22.53 -11.22
N ILE B 92 -1.90 -23.87 -11.16
CA ILE B 92 -1.11 -24.69 -12.12
C ILE B 92 -1.87 -24.77 -13.44
N ASP B 93 -3.20 -24.94 -13.41
CA ASP B 93 -4.06 -24.93 -14.62
C ASP B 93 -3.79 -23.63 -15.40
N GLU B 94 -3.80 -22.49 -14.71
CA GLU B 94 -3.60 -21.15 -15.32
C GLU B 94 -2.15 -21.04 -15.80
N GLY B 95 -1.19 -21.57 -15.05
CA GLY B 95 0.23 -21.66 -15.45
C GLY B 95 0.40 -22.39 -16.78
N ARG B 96 -0.22 -23.55 -16.95
CA ARG B 96 -0.11 -24.36 -18.19
C ARG B 96 -0.61 -23.52 -19.38
N LYS B 97 -1.69 -22.75 -19.21
CA LYS B 97 -2.28 -21.88 -20.25
C LYS B 97 -1.30 -20.75 -20.59
N VAL B 98 -0.69 -20.15 -19.56
CA VAL B 98 0.27 -19.01 -19.73
C VAL B 98 1.53 -19.52 -20.46
N LEU B 99 2.03 -20.72 -20.12
CA LEU B 99 3.23 -21.29 -20.76
C LEU B 99 2.93 -21.67 -22.21
N GLU B 100 1.74 -22.22 -22.48
CA GLU B 100 1.30 -22.59 -23.86
C GLU B 100 1.28 -21.33 -24.72
N LYS B 101 0.85 -20.18 -24.16
CA LYS B 101 0.63 -18.91 -24.90
C LYS B 101 1.94 -18.11 -24.99
N HIS B 102 2.71 -18.01 -23.90
CA HIS B 102 3.86 -17.07 -23.78
C HIS B 102 5.19 -17.78 -23.51
N GLY B 103 5.19 -19.06 -23.11
CA GLY B 103 6.41 -19.83 -22.83
C GLY B 103 6.97 -19.59 -21.43
N LEU B 104 6.63 -18.47 -20.79
CA LEU B 104 7.16 -18.08 -19.45
C LEU B 104 6.02 -17.53 -18.59
N GLN B 105 6.14 -17.67 -17.27
CA GLN B 105 5.25 -17.02 -16.27
C GLN B 105 6.12 -16.45 -15.15
N ILE B 106 5.91 -15.16 -14.83
CA ILE B 106 6.56 -14.50 -13.67
C ILE B 106 5.73 -14.81 -12.43
N VAL B 107 6.31 -15.50 -11.45
CA VAL B 107 5.61 -15.91 -10.21
C VAL B 107 6.34 -15.37 -8.98
N LEU B 108 5.56 -15.02 -7.96
CA LEU B 108 6.07 -14.67 -6.61
C LEU B 108 6.25 -15.96 -5.82
N MET B 109 7.43 -16.18 -5.25
CA MET B 109 7.78 -17.44 -4.57
C MET B 109 8.46 -17.13 -3.24
N ASP B 110 8.18 -17.94 -2.22
CA ASP B 110 8.87 -17.87 -0.91
C ASP B 110 10.30 -18.41 -1.12
N PHE B 111 11.29 -17.53 -0.97
CA PHE B 111 12.73 -17.79 -1.20
C PHE B 111 13.20 -18.97 -0.33
N TYR B 112 12.52 -19.20 0.79
CA TYR B 112 12.77 -20.33 1.73
C TYR B 112 12.99 -21.64 0.94
N TYR B 113 12.20 -21.86 -0.12
CA TYR B 113 12.16 -23.12 -0.90
C TYR B 113 13.10 -23.05 -2.11
N MET B 114 13.68 -21.87 -2.39
CA MET B 114 14.66 -21.68 -3.49
C MET B 114 16.07 -21.79 -2.90
N ASN B 115 17.03 -22.26 -3.70
CA ASN B 115 18.43 -22.55 -3.28
C ASN B 115 19.36 -21.71 -4.17
N SER B 116 19.13 -20.40 -4.22
CA SER B 116 19.68 -19.48 -5.25
C SER B 116 21.08 -18.97 -4.86
N PHE B 117 21.39 -18.80 -3.57
CA PHE B 117 22.71 -18.28 -3.11
C PHE B 117 23.29 -19.10 -1.96
N ASN B 118 24.56 -19.51 -2.11
CA ASN B 118 25.36 -20.27 -1.12
C ASN B 118 26.13 -19.28 -0.23
N TRP B 119 25.64 -19.04 0.99
CA TRP B 119 26.24 -18.10 1.96
C TRP B 119 27.55 -18.65 2.54
N LYS B 120 27.79 -19.95 2.39
CA LYS B 120 29.05 -20.62 2.83
C LYS B 120 30.22 -20.11 1.97
N SER B 121 29.94 -19.61 0.76
CA SER B 121 30.95 -18.96 -0.13
C SER B 121 31.50 -17.70 0.54
N LEU B 122 30.73 -17.07 1.45
CA LEU B 122 31.14 -15.87 2.22
C LEU B 122 31.29 -16.21 3.71
N SER B 123 31.52 -17.50 4.02
CA SER B 123 31.94 -18.03 5.35
C SER B 123 30.81 -17.97 6.40
N ARG B 124 29.54 -17.88 5.99
CA ARG B 124 28.37 -18.00 6.90
C ARG B 124 27.84 -19.43 6.84
N PHE B 125 28.09 -20.23 7.88
CA PHE B 125 27.73 -21.67 7.93
C PHE B 125 26.48 -21.89 8.78
N ASN B 126 26.22 -20.97 9.70
CA ASN B 126 25.05 -21.11 10.60
C ASN B 126 23.96 -20.21 10.06
N VAL B 127 23.32 -20.62 8.99
CA VAL B 127 22.31 -19.75 8.33
C VAL B 127 20.96 -20.46 8.34
N THR B 128 19.96 -19.79 8.88
CA THR B 128 18.59 -20.36 8.85
C THR B 128 17.86 -19.64 7.71
N ARG B 129 17.25 -20.43 6.83
CA ARG B 129 16.46 -19.90 5.71
C ARG B 129 15.28 -19.12 6.28
N GLU B 130 14.97 -17.98 5.68
CA GLU B 130 13.85 -17.15 6.12
C GLU B 130 12.73 -17.18 5.07
N HIS B 131 11.50 -17.06 5.53
CA HIS B 131 10.31 -16.89 4.66
C HIS B 131 10.30 -15.45 4.14
N ASP B 132 10.92 -15.24 2.96
CA ASP B 132 11.04 -13.95 2.24
C ASP B 132 10.43 -14.10 0.85
N PRO B 133 9.57 -13.17 0.38
CA PRO B 133 9.06 -13.25 -1.00
C PRO B 133 10.16 -12.91 -2.02
N ALA B 134 10.21 -13.68 -3.11
CA ALA B 134 11.13 -13.44 -4.25
C ALA B 134 10.41 -13.77 -5.56
N PHE B 135 11.06 -13.47 -6.69
CA PHE B 135 10.53 -13.72 -8.04
C PHE B 135 11.32 -14.86 -8.69
N ALA B 136 10.58 -15.66 -9.47
CA ALA B 136 11.13 -16.69 -10.37
C ALA B 136 10.42 -16.52 -11.72
N VAL B 137 11.05 -16.98 -12.79
CA VAL B 137 10.41 -17.14 -14.12
C VAL B 137 10.21 -18.64 -14.35
N LEU B 138 8.94 -19.08 -14.32
CA LEU B 138 8.52 -20.46 -14.60
C LEU B 138 8.61 -20.71 -16.12
N THR B 139 9.38 -21.73 -16.54
CA THR B 139 9.63 -22.06 -17.97
C THR B 139 8.95 -23.38 -18.36
N GLN B 140 8.75 -24.30 -17.40
CA GLN B 140 8.16 -25.64 -17.69
C GLN B 140 7.39 -26.16 -16.48
N ILE B 141 6.21 -26.73 -16.76
CA ILE B 141 5.36 -27.47 -15.80
C ILE B 141 5.38 -28.94 -16.19
N ASN B 142 5.93 -29.79 -15.32
CA ASN B 142 5.82 -31.26 -15.39
C ASN B 142 4.76 -31.67 -14.36
N GLU B 143 4.37 -32.95 -14.34
CA GLU B 143 3.27 -33.41 -13.46
C GLU B 143 3.72 -33.36 -11.99
N ASN B 144 5.00 -33.63 -11.71
CA ASN B 144 5.52 -33.75 -10.31
C ASN B 144 6.70 -32.80 -10.09
N SER B 145 6.96 -31.88 -11.04
CA SER B 145 8.11 -30.94 -10.99
C SER B 145 7.85 -29.74 -11.90
N VAL B 146 8.61 -28.66 -11.68
CA VAL B 146 8.63 -27.46 -12.55
C VAL B 146 10.09 -27.04 -12.76
N HIS B 147 10.36 -26.31 -13.84
CA HIS B 147 11.67 -25.65 -14.09
C HIS B 147 11.51 -24.14 -13.87
N ILE B 148 12.34 -23.54 -13.02
CA ILE B 148 12.32 -22.07 -12.74
C ILE B 148 13.73 -21.48 -12.97
N ILE B 149 13.75 -20.23 -13.42
CA ILE B 149 14.94 -19.34 -13.45
C ILE B 149 14.80 -18.34 -12.29
N ASP B 150 15.86 -18.16 -11.49
CA ASP B 150 16.03 -17.01 -10.58
C ASP B 150 16.96 -16.02 -11.26
N PRO B 151 16.43 -15.07 -12.06
CA PRO B 151 17.28 -14.19 -12.87
C PRO B 151 18.13 -13.22 -12.02
N TYR B 152 17.67 -12.84 -10.82
CA TYR B 152 18.39 -11.91 -9.92
C TYR B 152 19.71 -12.54 -9.46
N TYR B 153 19.72 -13.86 -9.24
CA TYR B 153 20.89 -14.62 -8.72
C TYR B 153 21.54 -15.47 -9.82
N HIS B 154 21.03 -15.41 -11.06
CA HIS B 154 21.64 -16.10 -12.24
C HIS B 154 21.67 -17.61 -12.00
N HIS B 155 20.59 -18.15 -11.43
CA HIS B 155 20.47 -19.57 -11.04
C HIS B 155 19.17 -20.13 -11.65
N GLU B 156 19.21 -21.39 -12.10
CA GLU B 156 18.00 -22.20 -12.43
C GLU B 156 17.92 -23.35 -11.42
N GLU B 157 16.76 -23.97 -11.30
CA GLU B 157 16.61 -25.28 -10.61
C GLU B 157 15.28 -25.92 -11.03
N ASN B 158 15.25 -27.25 -11.01
CA ASN B 158 14.00 -28.04 -10.99
C ASN B 158 13.54 -28.09 -9.53
N MET B 159 12.23 -27.96 -9.29
CA MET B 159 11.62 -27.99 -7.94
C MET B 159 10.42 -28.93 -7.99
N SER B 160 10.23 -29.73 -6.94
CA SER B 160 9.07 -30.64 -6.78
C SER B 160 7.78 -29.81 -6.88
N MET B 161 6.73 -30.36 -7.47
CA MET B 161 5.41 -29.67 -7.58
C MET B 161 4.93 -29.30 -6.17
N GLU B 162 5.16 -30.19 -5.20
CA GLU B 162 4.78 -30.03 -3.77
C GLU B 162 5.45 -28.77 -3.21
N ASP B 163 6.76 -28.60 -3.39
CA ASP B 163 7.54 -27.44 -2.87
C ASP B 163 7.11 -26.16 -3.60
N PHE B 164 6.92 -26.23 -4.92
CA PHE B 164 6.47 -25.11 -5.78
C PHE B 164 5.15 -24.55 -5.24
N ILE B 165 4.18 -25.44 -5.00
CA ILE B 165 2.84 -25.07 -4.45
C ILE B 165 3.02 -24.47 -3.04
N LYS B 166 3.80 -25.11 -2.17
CA LYS B 166 4.10 -24.58 -0.80
C LYS B 166 4.69 -23.18 -0.91
N SER B 167 5.71 -23.00 -1.77
CA SER B 167 6.46 -21.74 -1.95
C SER B 167 5.52 -20.61 -2.40
N ARG B 168 4.43 -20.94 -3.09
CA ARG B 168 3.49 -19.96 -3.70
C ARG B 168 2.24 -19.76 -2.82
N ASN B 169 2.18 -20.39 -1.65
CA ASN B 169 1.03 -20.25 -0.72
C ASN B 169 1.52 -19.90 0.69
N SER B 170 2.76 -19.43 0.82
CA SER B 170 3.52 -19.32 2.09
C SER B 170 3.31 -17.95 2.74
N MET B 171 3.08 -17.92 4.06
CA MET B 171 3.15 -16.69 4.89
C MET B 171 4.62 -16.34 5.10
N THR B 172 5.02 -15.14 4.66
CA THR B 172 6.41 -14.62 4.73
C THR B 172 6.46 -13.43 5.71
N LYS B 173 7.66 -12.95 6.03
CA LYS B 173 7.89 -11.79 6.92
C LYS B 173 7.38 -10.51 6.26
N GLN B 174 7.23 -10.51 4.93
CA GLN B 174 6.77 -9.34 4.14
C GLN B 174 5.49 -9.71 3.34
N GLY B 175 4.60 -10.52 3.93
CA GLY B 175 3.21 -10.70 3.45
C GLY B 175 2.84 -12.14 3.15
N LYS B 176 1.57 -12.39 2.80
CA LYS B 176 1.01 -13.71 2.44
C LYS B 176 1.05 -13.89 0.93
N ILE B 177 1.78 -14.88 0.42
CA ILE B 177 1.78 -15.23 -1.03
C ILE B 177 0.55 -16.11 -1.29
N SER B 178 -0.19 -15.81 -2.37
CA SER B 178 -1.36 -16.58 -2.86
C SER B 178 -1.25 -16.76 -4.37
N PHE B 179 -0.19 -17.43 -4.82
CA PHE B 179 0.01 -17.88 -6.21
C PHE B 179 0.14 -16.67 -7.14
N ASN B 180 0.54 -15.53 -6.57
CA ASN B 180 0.70 -14.26 -7.32
C ASN B 180 1.56 -14.47 -8.57
N SER B 181 1.08 -13.96 -9.71
CA SER B 181 1.82 -14.00 -11.00
C SER B 181 1.76 -12.60 -11.61
N TYR B 182 2.78 -12.21 -12.37
CA TYR B 182 2.87 -10.85 -12.95
C TYR B 182 2.87 -10.92 -14.48
N GLU B 183 1.88 -10.27 -15.10
CA GLU B 183 1.72 -10.30 -16.58
C GLU B 183 2.11 -8.92 -17.14
N ILE B 184 3.10 -8.89 -18.04
CA ILE B 184 3.52 -7.63 -18.71
C ILE B 184 2.55 -7.43 -19.87
N PHE B 185 1.64 -6.47 -19.73
CA PHE B 185 0.59 -6.26 -20.76
C PHE B 185 0.77 -4.91 -21.46
N SER B 186 0.54 -4.91 -22.77
CA SER B 186 0.61 -3.67 -23.58
C SER B 186 -0.14 -3.89 -24.91
N ASN B 187 -0.91 -2.90 -25.33
CA ASN B 187 -1.63 -2.95 -26.63
C ASN B 187 -0.90 -2.01 -27.59
N GLY B 188 0.42 -1.90 -27.41
CA GLY B 188 1.28 -1.01 -28.21
C GLY B 188 2.28 -0.28 -27.32
N THR B 189 3.57 -0.62 -27.46
CA THR B 189 4.61 0.01 -26.61
C THR B 189 4.92 1.42 -27.13
N LYS B 190 4.94 2.39 -26.22
CA LYS B 190 5.28 3.81 -26.45
C LYS B 190 6.80 3.95 -26.35
N LYS B 191 7.44 4.65 -27.28
CA LYS B 191 8.92 4.76 -27.33
C LYS B 191 9.37 5.99 -26.53
N SER B 192 10.53 5.88 -25.88
CA SER B 192 11.19 6.94 -25.08
C SER B 192 12.66 7.04 -25.49
N ASN B 193 13.24 8.24 -25.48
CA ASN B 193 14.69 8.43 -25.74
C ASN B 193 15.43 8.31 -24.40
N ILE B 194 16.70 7.91 -24.43
CA ILE B 194 17.46 7.56 -23.20
C ILE B 194 17.62 8.80 -22.31
N LYS B 195 17.92 9.97 -22.89
CA LYS B 195 18.12 11.22 -22.12
C LYS B 195 16.85 11.56 -21.35
N GLU B 196 15.69 11.46 -22.00
CA GLU B 196 14.35 11.65 -21.39
C GLU B 196 14.20 10.73 -20.17
N LEU B 197 14.56 9.45 -20.31
CA LEU B 197 14.42 8.46 -19.20
C LEU B 197 15.29 8.88 -18.01
N LEU B 198 16.46 9.47 -18.27
CA LEU B 198 17.45 9.86 -17.23
C LEU B 198 17.07 11.22 -16.62
N TYR B 199 16.78 12.23 -17.42
CA TYR B 199 16.36 13.58 -16.94
C TYR B 199 15.19 13.41 -15.95
N TYR B 200 14.18 12.62 -16.31
CA TYR B 200 12.97 12.40 -15.49
C TYR B 200 13.37 11.79 -14.13
N ARG B 201 14.25 10.79 -14.15
CA ARG B 201 14.70 10.05 -12.95
C ARG B 201 15.55 10.95 -12.04
N PHE B 202 16.48 11.72 -12.61
CA PHE B 202 17.40 12.57 -11.83
C PHE B 202 16.65 13.79 -11.28
N ASN B 203 15.73 14.35 -12.07
CA ASN B 203 14.84 15.45 -11.59
C ASN B 203 14.00 14.92 -10.41
N ARG B 204 13.40 13.73 -10.55
CA ARG B 204 12.54 13.13 -9.50
C ARG B 204 13.37 12.83 -8.24
N TYR B 205 14.59 12.33 -8.43
CA TYR B 205 15.55 12.03 -7.34
C TYR B 205 15.76 13.28 -6.47
N LEU B 206 15.93 14.44 -7.11
CA LEU B 206 16.14 15.74 -6.43
C LEU B 206 14.82 16.26 -5.83
N GLN B 207 13.72 16.21 -6.60
CA GLN B 207 12.40 16.75 -6.18
C GLN B 207 11.91 16.01 -4.92
N GLU B 208 12.09 14.69 -4.87
CA GLU B 208 11.64 13.84 -3.72
C GLU B 208 12.74 13.75 -2.66
N LYS B 209 13.89 14.41 -2.85
CA LYS B 209 15.01 14.46 -1.87
C LYS B 209 15.41 13.02 -1.48
N MET B 210 15.59 12.15 -2.46
CA MET B 210 15.95 10.72 -2.23
C MET B 210 17.34 10.63 -1.59
N PHE B 211 18.23 11.58 -1.88
CA PHE B 211 19.55 11.74 -1.22
C PHE B 211 19.34 11.95 0.29
N GLY B 212 18.25 12.61 0.69
CA GLY B 212 17.86 12.80 2.10
C GLY B 212 17.60 11.47 2.80
N LYS B 213 17.12 10.46 2.07
CA LYS B 213 16.83 9.12 2.62
C LYS B 213 18.14 8.38 2.88
N ILE B 214 19.19 8.67 2.11
CA ILE B 214 20.56 8.13 2.37
C ILE B 214 21.05 8.71 3.71
N THR B 215 20.91 10.03 3.89
CA THR B 215 21.29 10.74 5.15
C THR B 215 20.52 10.10 6.32
N GLN B 216 19.21 9.85 6.17
CA GLN B 216 18.37 9.24 7.25
C GLN B 216 18.96 7.88 7.64
N PHE B 217 19.24 7.05 6.63
CA PHE B 217 19.86 5.71 6.78
C PHE B 217 21.15 5.87 7.61
N GLY B 218 22.04 6.78 7.19
CA GLY B 218 23.29 7.11 7.90
C GLY B 218 23.05 7.43 9.36
N GLN B 219 22.04 8.27 9.64
CA GLN B 219 21.71 8.72 11.02
C GLN B 219 21.21 7.53 11.85
N VAL B 220 20.42 6.63 11.26
CA VAL B 220 19.89 5.43 11.97
C VAL B 220 21.04 4.47 12.27
N VAL B 221 21.98 4.30 11.33
CA VAL B 221 23.19 3.44 11.52
C VAL B 221 23.94 3.97 12.75
N LYS B 222 24.16 5.28 12.85
CA LYS B 222 24.91 5.93 13.96
C LYS B 222 24.34 5.50 15.32
N LYS B 223 23.02 5.29 15.39
CA LYS B 223 22.28 5.05 16.65
C LYS B 223 22.30 3.57 17.06
N GLN B 224 22.95 2.68 16.28
CA GLN B 224 22.93 1.22 16.54
C GLN B 224 24.18 0.77 17.32
N LEU B 225 24.99 1.71 17.82
CA LEU B 225 26.31 1.41 18.44
C LEU B 225 26.14 0.47 19.66
N ASP B 226 24.98 0.49 20.33
CA ASP B 226 24.72 -0.33 21.54
C ASP B 226 23.69 -1.44 21.24
N ASN B 227 23.26 -1.60 19.99
CA ASN B 227 22.29 -2.64 19.56
C ASN B 227 23.04 -3.96 19.39
N LYS B 228 22.72 -4.94 20.26
CA LYS B 228 23.41 -6.25 20.37
C LYS B 228 23.12 -7.10 19.12
N ASP B 229 21.99 -6.85 18.47
CA ASP B 229 21.54 -7.53 17.23
C ASP B 229 22.08 -6.75 16.02
N ARG B 230 23.12 -7.28 15.36
CA ARG B 230 23.80 -6.66 14.19
C ARG B 230 23.13 -7.10 12.88
N LYS B 231 21.94 -7.71 12.97
CA LYS B 231 21.16 -8.28 11.83
C LYS B 231 20.86 -7.19 10.79
N TRP B 232 20.50 -5.99 11.24
CA TRP B 232 20.22 -4.79 10.39
C TRP B 232 21.36 -4.58 9.38
N ALA B 233 22.61 -4.85 9.77
CA ALA B 233 23.80 -4.63 8.93
C ALA B 233 23.86 -5.67 7.79
N PHE B 234 23.51 -6.93 8.06
CA PHE B 234 23.37 -7.97 7.01
C PHE B 234 22.24 -7.56 6.05
N THR B 235 21.09 -7.15 6.59
CA THR B 235 19.92 -6.69 5.81
C THR B 235 20.35 -5.52 4.92
N GLY B 236 21.04 -4.53 5.51
CA GLY B 236 21.60 -3.37 4.79
C GLY B 236 22.51 -3.80 3.65
N TYR B 237 23.42 -4.74 3.91
CA TYR B 237 24.39 -5.27 2.92
C TYR B 237 23.62 -5.79 1.70
N ASN B 238 22.60 -6.63 1.93
CA ASN B 238 21.78 -7.24 0.85
C ASN B 238 20.97 -6.16 0.13
N CYS B 239 20.34 -5.26 0.90
CA CYS B 239 19.51 -4.13 0.38
C CYS B 239 20.30 -3.27 -0.62
N LEU B 240 21.57 -2.98 -0.32
CA LEU B 240 22.37 -1.96 -1.04
C LEU B 240 22.95 -2.53 -2.34
N ASN B 241 22.83 -3.84 -2.58
CA ASN B 241 23.28 -4.42 -3.88
C ASN B 241 22.51 -3.73 -5.00
N SER B 242 21.23 -3.42 -4.79
CA SER B 242 20.37 -2.71 -5.78
C SER B 242 20.99 -1.37 -6.20
N VAL B 243 21.62 -0.66 -5.27
CA VAL B 243 22.21 0.69 -5.52
C VAL B 243 23.51 0.52 -6.32
N VAL B 244 24.29 -0.52 -6.02
CA VAL B 244 25.52 -0.87 -6.80
C VAL B 244 25.09 -1.21 -8.23
N TYR B 245 24.01 -1.98 -8.40
CA TYR B 245 23.51 -2.38 -9.74
C TYR B 245 23.07 -1.15 -10.54
N GLN B 246 22.34 -0.20 -9.92
CA GLN B 246 21.88 1.03 -10.63
C GLN B 246 23.11 1.81 -11.13
N HIS B 247 24.13 1.97 -10.27
CA HIS B 247 25.38 2.71 -10.59
C HIS B 247 26.08 2.02 -11.77
N GLN B 248 26.18 0.69 -11.72
CA GLN B 248 26.82 -0.10 -12.82
C GLN B 248 25.97 0.01 -14.09
N ASN B 249 24.65 -0.06 -13.97
CA ASN B 249 23.71 0.02 -15.12
C ASN B 249 23.89 1.38 -15.81
N LEU B 250 24.05 2.46 -15.04
CA LEU B 250 24.22 3.83 -15.58
C LEU B 250 25.57 3.94 -16.30
N ILE B 251 26.62 3.32 -15.76
CA ILE B 251 27.96 3.25 -16.41
C ILE B 251 27.80 2.54 -17.76
N ASN B 252 27.04 1.45 -17.81
CA ASN B 252 26.84 0.64 -19.04
C ASN B 252 25.99 1.43 -20.04
N LEU B 253 25.01 2.21 -19.58
CA LEU B 253 24.21 3.12 -20.46
C LEU B 253 25.14 4.20 -21.03
N GLN B 254 26.00 4.79 -20.20
CA GLN B 254 26.97 5.84 -20.62
C GLN B 254 27.77 5.32 -21.82
N LYS B 255 28.30 4.10 -21.72
CA LYS B 255 29.13 3.45 -22.77
C LYS B 255 28.26 3.17 -24.00
N LYS B 256 27.12 2.50 -23.82
CA LYS B 256 26.24 2.06 -24.92
C LYS B 256 25.80 3.27 -25.75
N PHE B 257 25.33 4.34 -25.11
CA PHE B 257 24.66 5.50 -25.79
C PHE B 257 25.61 6.70 -25.87
N SER B 258 26.89 6.54 -25.54
CA SER B 258 27.93 7.60 -25.62
C SER B 258 27.46 8.88 -24.90
N LEU B 259 27.00 8.74 -23.64
CA LEU B 259 26.43 9.87 -22.85
C LEU B 259 27.56 10.63 -22.14
N GLU B 260 27.34 11.94 -21.92
CA GLU B 260 28.16 12.76 -20.99
C GLU B 260 27.64 12.52 -19.57
N MET B 261 28.52 12.09 -18.67
CA MET B 261 28.25 11.85 -17.23
C MET B 261 29.26 12.64 -16.41
N PRO B 262 28.89 13.09 -15.18
CA PRO B 262 29.88 13.59 -14.24
C PRO B 262 31.00 12.55 -14.07
N PRO B 263 32.27 12.98 -13.90
CA PRO B 263 33.40 12.04 -13.94
C PRO B 263 33.63 11.18 -12.68
N ASN B 264 32.77 11.27 -11.66
CA ASN B 264 32.95 10.56 -10.36
C ASN B 264 31.95 9.40 -10.22
N LEU B 265 31.33 8.93 -11.30
CA LEU B 265 30.31 7.86 -11.26
C LEU B 265 30.92 6.54 -10.77
N GLN B 266 32.08 6.15 -11.32
CA GLN B 266 32.81 4.93 -10.87
C GLN B 266 33.18 5.08 -9.39
N GLU B 267 33.63 6.27 -8.97
CA GLU B 267 34.02 6.59 -7.58
C GLU B 267 32.80 6.41 -6.66
N LEU B 268 31.61 6.85 -7.09
CA LEU B 268 30.36 6.70 -6.29
C LEU B 268 30.03 5.20 -6.15
N LEU B 269 30.12 4.42 -7.24
CA LEU B 269 29.94 2.95 -7.20
C LEU B 269 30.88 2.36 -6.14
N ASP B 270 32.16 2.73 -6.16
CA ASP B 270 33.21 2.21 -5.25
C ASP B 270 32.89 2.59 -3.80
N ASN B 271 32.38 3.81 -3.56
CA ASN B 271 31.94 4.24 -2.21
C ASN B 271 30.84 3.29 -1.71
N TRP B 272 29.85 2.99 -2.56
CA TRP B 272 28.71 2.09 -2.20
C TRP B 272 29.22 0.68 -1.92
N ALA B 273 30.19 0.20 -2.71
CA ALA B 273 30.81 -1.13 -2.53
C ALA B 273 31.52 -1.18 -1.17
N LEU B 274 32.20 -0.11 -0.77
CA LEU B 274 32.93 -0.04 0.53
C LEU B 274 31.91 -0.06 1.67
N ILE B 275 30.81 0.70 1.54
CA ILE B 275 29.74 0.74 2.58
C ILE B 275 29.22 -0.69 2.78
N ARG B 276 28.95 -1.42 1.70
CA ARG B 276 28.45 -2.82 1.75
C ARG B 276 29.48 -3.69 2.45
N LYS B 277 30.75 -3.59 2.06
CA LYS B 277 31.85 -4.40 2.63
C LYS B 277 31.91 -4.17 4.14
N LYS B 278 31.83 -2.91 4.60
CA LYS B 278 31.94 -2.56 6.04
C LYS B 278 30.71 -3.03 6.80
N LEU B 279 29.52 -2.96 6.19
CA LEU B 279 28.27 -3.49 6.80
C LEU B 279 28.43 -4.99 7.02
N PHE B 280 28.93 -5.72 6.03
CA PHE B 280 29.09 -7.19 6.09
C PHE B 280 30.12 -7.56 7.16
N GLU B 281 31.28 -6.87 7.18
CA GLU B 281 32.38 -7.11 8.15
C GLU B 281 31.87 -6.81 9.57
N TYR B 282 31.10 -5.72 9.73
CA TYR B 282 30.50 -5.34 11.03
C TYR B 282 29.57 -6.46 11.49
N TYR B 283 28.71 -6.94 10.58
CA TYR B 283 27.74 -8.03 10.87
C TYR B 283 28.51 -9.29 11.28
N SER B 284 29.54 -9.65 10.51
CA SER B 284 30.19 -10.98 10.52
C SER B 284 31.33 -11.04 11.54
N ARG B 285 32.16 -9.99 11.61
CA ARG B 285 33.49 -10.00 12.30
C ARG B 285 33.46 -9.20 13.61
N GLY B 286 32.26 -8.93 14.17
CA GLY B 286 32.05 -8.62 15.59
C GLY B 286 32.50 -7.23 16.02
N SER B 287 32.85 -6.35 15.08
CA SER B 287 33.48 -5.02 15.32
C SER B 287 32.46 -4.03 15.90
N TYR B 288 32.92 -2.84 16.31
CA TYR B 288 32.12 -1.76 16.97
C TYR B 288 32.31 -0.43 16.23
N ASN B 289 31.99 -0.37 14.92
CA ASN B 289 32.38 0.78 14.04
C ASN B 289 31.17 1.36 13.31
N THR B 290 30.04 1.54 14.00
CA THR B 290 28.81 2.17 13.45
C THR B 290 29.08 3.64 13.09
N GLU B 291 30.00 4.31 13.79
CA GLU B 291 30.38 5.73 13.52
C GLU B 291 31.01 5.81 12.13
N GLU B 292 32.03 4.98 11.87
CA GLU B 292 32.76 4.93 10.58
C GLU B 292 31.77 4.72 9.43
N ILE B 293 30.86 3.74 9.57
CA ILE B 293 29.89 3.35 8.51
C ILE B 293 28.90 4.51 8.28
N SER B 294 28.37 5.08 9.37
CA SER B 294 27.45 6.25 9.34
C SER B 294 28.09 7.41 8.57
N ASN B 295 29.35 7.74 8.90
CA ASN B 295 30.11 8.85 8.28
C ASN B 295 30.21 8.63 6.76
N LEU B 296 30.54 7.41 6.32
CA LEU B 296 30.64 7.06 4.87
C LEU B 296 29.28 7.25 4.20
N ILE B 297 28.19 6.77 4.82
CA ILE B 297 26.82 6.85 4.24
C ILE B 297 26.43 8.32 4.10
N CYS B 298 26.69 9.14 5.14
CA CYS B 298 26.33 10.58 5.16
C CYS B 298 27.18 11.35 4.13
N LYS B 299 28.44 10.94 3.92
CA LYS B 299 29.31 11.55 2.88
C LYS B 299 28.77 11.22 1.48
N VAL B 300 28.35 9.97 1.23
CA VAL B 300 27.87 9.56 -0.14
C VAL B 300 26.51 10.22 -0.40
N ALA B 301 25.69 10.44 0.63
CA ALA B 301 24.40 11.17 0.49
C ALA B 301 24.66 12.53 -0.19
N SER B 302 25.57 13.34 0.36
CA SER B 302 25.94 14.68 -0.18
C SER B 302 26.49 14.52 -1.60
N SER B 303 27.40 13.58 -1.81
CA SER B 303 28.04 13.28 -3.13
C SER B 303 26.96 12.90 -4.15
N GLU B 304 25.94 12.15 -3.74
CA GLU B 304 24.85 11.69 -4.65
C GLU B 304 23.97 12.89 -5.02
N GLU B 305 23.69 13.80 -4.07
CA GLU B 305 22.91 15.03 -4.35
C GLU B 305 23.62 15.85 -5.43
N GLN B 306 24.91 16.15 -5.22
CA GLN B 306 25.73 16.95 -6.18
C GLN B 306 25.78 16.23 -7.53
N PHE B 307 25.98 14.91 -7.54
CA PHE B 307 26.04 14.07 -8.77
C PHE B 307 24.76 14.26 -9.59
N ALA B 308 23.61 14.17 -8.93
CA ALA B 308 22.28 14.27 -9.59
C ALA B 308 22.14 15.64 -10.24
N GLN B 309 22.53 16.70 -9.55
CA GLN B 309 22.53 18.09 -10.08
C GLN B 309 23.47 18.18 -11.29
N GLU B 310 24.65 17.56 -11.21
CA GLU B 310 25.66 17.62 -12.30
C GLU B 310 25.13 16.85 -13.53
N VAL B 311 24.44 15.72 -13.33
CA VAL B 311 23.85 14.93 -14.46
C VAL B 311 22.91 15.84 -15.25
N LEU B 312 22.00 16.56 -14.57
CA LEU B 312 21.00 17.45 -15.24
C LEU B 312 21.74 18.54 -16.06
N LYS B 313 22.93 18.94 -15.63
CA LYS B 313 23.76 19.96 -16.33
C LYS B 313 24.41 19.38 -17.59
N VAL B 314 25.05 18.20 -17.50
CA VAL B 314 26.03 17.73 -18.52
C VAL B 314 25.37 16.78 -19.53
N LEU B 315 24.28 16.09 -19.18
CA LEU B 315 23.67 15.05 -20.05
C LEU B 315 23.26 15.66 -21.40
C1' HBA C . -9.94 7.03 4.67
O1' HBA C . -10.25 8.16 4.50
C1 HBA C . -9.20 6.31 3.71
C2 HBA C . -8.92 4.99 3.83
C3 HBA C . -8.23 4.29 2.86
C4 HBA C . -7.77 4.96 1.75
C5 HBA C . -8.01 6.31 1.62
C6 HBA C . -8.74 6.98 2.58
O4 HBA C . -7.10 4.30 0.77
C1 GOL D . -1.73 3.15 -1.66
O1 GOL D . -2.10 2.41 -0.50
C2 GOL D . -2.07 4.61 -1.51
O2 GOL D . -1.25 5.40 -2.37
C3 GOL D . -3.53 4.93 -1.77
O3 GOL D . -3.83 6.30 -1.51
C1' HBA E . 14.44 -10.96 -4.19
O1' HBA E . 13.22 -10.95 -4.20
C1 HBA E . 15.11 -11.58 -3.09
C2 HBA E . 16.47 -11.70 -3.05
C3 HBA E . 17.09 -12.27 -1.93
C4 HBA E . 16.36 -12.75 -0.88
C5 HBA E . 14.98 -12.65 -0.90
C6 HBA E . 14.37 -12.06 -2.02
O4 HBA E . 16.93 -13.34 0.18
#